data_4ODQ
#
_entry.id   4ODQ
#
_cell.length_a   93.560
_cell.length_b   93.560
_cell.length_c   93.560
_cell.angle_alpha   90.00
_cell.angle_beta   90.00
_cell.angle_gamma   90.00
#
_symmetry.space_group_name_H-M   'P 41 3 2'
#
loop_
_entity.id
_entity.type
_entity.pdbx_description
1 polymer 'Peptidyl-prolyl cis-trans isomerase SlyD, Peptidyl-prolyl cis-trans isomerase FKBP1A chimera'
2 polymer '30S ribosomal protein S3'
3 non-polymer 'CHLORIDE ION'
4 non-polymer 'CALCIUM ION'
5 non-polymer 'NICKEL (II) ION'
6 water water
#
loop_
_entity_poly.entity_id
_entity_poly.type
_entity_poly.pdbx_seq_one_letter_code
_entity_poly.pdbx_strand_id
1 'polypeptide(L)'
;MKVGQDKVVTIRYTLQVEGEVLDQGELSYLHGHRNLIPGLEEALEGREEGEAFQAHVPAEKAYGATGHPGIIPPHATLDF
QVEVVKVREATPEELLHGHAHPSGHHHHHH
;
A
2 'polypeptide(L)' RLGIVKPWNSTWFAN(NH2) B
#
# COMPACT_ATOMS: atom_id res chain seq x y z
N MET A 1 -1.21 16.90 -0.57
CA MET A 1 -1.10 16.29 0.74
C MET A 1 -0.10 15.14 0.70
N LYS A 2 0.72 15.01 1.75
CA LYS A 2 1.75 13.97 1.81
C LYS A 2 1.27 12.70 2.49
N VAL A 3 1.76 11.56 2.00
CA VAL A 3 1.50 10.28 2.66
C VAL A 3 2.07 10.29 4.07
N GLY A 4 1.25 9.87 5.03
CA GLY A 4 1.67 9.79 6.42
C GLY A 4 0.60 9.09 7.25
N GLN A 5 0.88 8.94 8.53
CA GLN A 5 -0.02 8.26 9.46
C GLN A 5 -1.46 8.75 9.32
N ASP A 6 -2.39 7.79 9.23
CA ASP A 6 -3.83 8.04 9.19
C ASP A 6 -4.31 8.71 7.90
N LYS A 7 -3.47 8.78 6.87
CA LYS A 7 -3.93 9.17 5.55
C LYS A 7 -4.48 7.96 4.81
N VAL A 8 -5.56 8.16 4.04
CA VAL A 8 -5.99 7.13 3.11
C VAL A 8 -5.37 7.44 1.76
N VAL A 9 -4.56 6.51 1.28
CA VAL A 9 -3.71 6.74 0.12
C VAL A 9 -4.16 5.85 -1.03
N THR A 10 -4.35 6.43 -2.19
CA THR A 10 -4.65 5.64 -3.38
C THR A 10 -3.39 5.55 -4.23
N ILE A 11 -2.99 4.33 -4.58
CA ILE A 11 -1.81 4.11 -5.39
C ILE A 11 -2.12 3.26 -6.62
N ARG A 12 -1.46 3.59 -7.72
CA ARG A 12 -1.40 2.72 -8.87
C ARG A 12 -0.03 2.05 -8.85
N TYR A 13 0.01 0.74 -9.06
CA TYR A 13 1.25 0.02 -8.87
C TYR A 13 1.43 -1.09 -9.88
N THR A 14 2.69 -1.40 -10.16
CA THR A 14 3.07 -2.64 -10.83
C THR A 14 4.06 -3.34 -9.92
N LEU A 15 3.83 -4.62 -9.65
CA LEU A 15 4.75 -5.39 -8.84
C LEU A 15 5.48 -6.41 -9.73
N GLN A 16 6.81 -6.36 -9.68
CA GLN A 16 7.64 -7.33 -10.38
C GLN A 16 8.46 -8.14 -9.38
N VAL A 17 8.64 -9.41 -9.66
CA VAL A 17 9.58 -10.24 -8.92
C VAL A 17 10.45 -10.97 -9.93
N GLU A 18 11.76 -10.75 -9.83
CA GLU A 18 12.71 -11.29 -10.79
C GLU A 18 12.29 -10.98 -12.22
N GLY A 19 11.83 -9.76 -12.44
CA GLY A 19 11.58 -9.23 -13.77
C GLY A 19 10.26 -9.63 -14.41
N GLU A 20 9.40 -10.31 -13.65
CA GLU A 20 8.11 -10.76 -14.16
C GLU A 20 6.98 -10.01 -13.46
N VAL A 21 6.14 -9.35 -14.25
CA VAL A 21 4.98 -8.67 -13.68
C VAL A 21 4.06 -9.70 -13.03
N LEU A 22 3.95 -9.60 -11.72
CA LEU A 22 3.15 -10.51 -10.92
C LEU A 22 1.72 -10.01 -10.84
N ASP A 23 1.59 -8.73 -10.47
CA ASP A 23 0.29 -8.12 -10.27
C ASP A 23 0.40 -6.62 -10.47
N GLN A 24 -0.61 -6.03 -11.06
CA GLN A 24 -0.69 -4.57 -11.12
C GLN A 24 -2.12 -4.12 -10.93
N GLY A 25 -2.30 -2.85 -10.62
CA GLY A 25 -3.62 -2.31 -10.41
C GLY A 25 -3.60 -1.03 -9.61
N GLU A 26 -4.70 -0.78 -8.93
CA GLU A 26 -4.88 0.42 -8.15
C GLU A 26 -5.64 0.03 -6.88
N LEU A 27 -5.22 0.57 -5.74
CA LEU A 27 -5.89 0.27 -4.50
C LEU A 27 -5.75 1.45 -3.57
N SER A 28 -6.60 1.51 -2.55
CA SER A 28 -6.51 2.51 -1.51
C SER A 28 -6.31 1.81 -0.18
N TYR A 29 -5.51 2.41 0.70
CA TYR A 29 -5.23 1.79 1.99
C TYR A 29 -5.09 2.87 3.06
N LEU A 30 -5.32 2.50 4.31
CA LEU A 30 -5.12 3.40 5.44
C LEU A 30 -3.68 3.27 5.93
N HIS A 31 -2.92 4.36 5.82
CA HIS A 31 -1.48 4.35 6.15
C HIS A 31 -1.23 4.35 7.66
N GLY A 32 -0.27 3.54 8.09
CA GLY A 32 0.14 3.52 9.48
C GLY A 32 -0.63 2.51 10.31
N HIS A 33 -1.27 1.56 9.66
CA HIS A 33 -2.05 0.57 10.38
C HIS A 33 -1.69 -0.87 10.00
N ARG A 34 -0.48 -1.04 9.48
CA ARG A 34 0.03 -2.33 9.03
C ARG A 34 -0.90 -3.04 8.04
N ASN A 35 -1.46 -2.29 7.10
CA ASN A 35 -2.39 -2.88 6.13
C ASN A 35 -1.74 -3.13 4.77
N LEU A 36 -0.48 -2.72 4.63
CA LEU A 36 0.31 -3.02 3.42
C LEU A 36 1.56 -3.81 3.78
N ILE A 37 2.14 -4.45 2.77
CA ILE A 37 3.53 -4.91 2.85
C ILE A 37 4.39 -3.85 3.51
N PRO A 38 5.02 -4.19 4.64
CA PRO A 38 5.75 -3.23 5.49
C PRO A 38 6.75 -2.35 4.73
N GLY A 39 7.61 -2.95 3.91
CA GLY A 39 8.60 -2.20 3.17
C GLY A 39 8.00 -1.23 2.17
N LEU A 40 6.87 -1.59 1.59
CA LEU A 40 6.20 -0.71 0.63
C LEU A 40 5.70 0.54 1.32
N GLU A 41 5.06 0.37 2.46
CA GLU A 41 4.52 1.49 3.20
C GLU A 41 5.65 2.43 3.63
N GLU A 42 6.78 1.86 4.06
CA GLU A 42 7.94 2.66 4.40
C GLU A 42 8.41 3.50 3.20
N ALA A 43 8.35 2.93 2.01
CA ALA A 43 8.77 3.64 0.80
C ALA A 43 7.78 4.74 0.41
N LEU A 44 6.52 4.57 0.78
CA LEU A 44 5.47 5.54 0.49
C LEU A 44 5.45 6.72 1.45
N GLU A 45 5.99 6.51 2.64
CA GLU A 45 6.00 7.54 3.69
C GLU A 45 6.55 8.88 3.22
N GLY A 46 5.73 9.92 3.34
CA GLY A 46 6.18 11.26 2.98
C GLY A 46 6.09 11.63 1.52
N ARG A 47 5.63 10.70 0.67
CA ARG A 47 5.47 10.97 -0.75
C ARG A 47 4.33 11.96 -0.99
N GLU A 48 4.50 12.84 -1.97
CA GLU A 48 3.46 13.79 -2.35
C GLU A 48 2.48 13.14 -3.32
N GLU A 49 1.23 13.55 -3.27
CA GLU A 49 0.25 13.15 -4.27
C GLU A 49 0.81 13.51 -5.65
N GLY A 50 0.72 12.56 -6.58
CA GLY A 50 1.26 12.78 -7.91
C GLY A 50 2.65 12.21 -8.16
N GLU A 51 3.34 11.81 -7.09
CA GLU A 51 4.70 11.27 -7.22
C GLU A 51 4.72 9.90 -7.87
N ALA A 52 5.70 9.67 -8.72
CA ALA A 52 5.92 8.35 -9.31
C ALA A 52 7.30 7.86 -8.91
N PHE A 53 7.41 6.62 -8.43
CA PHE A 53 8.69 6.15 -7.94
C PHE A 53 8.80 4.64 -7.99
N GLN A 54 10.03 4.16 -7.91
CA GLN A 54 10.30 2.73 -7.83
C GLN A 54 10.76 2.38 -6.42
N ALA A 55 10.32 1.23 -5.92
CA ALA A 55 10.76 0.78 -4.60
C ALA A 55 11.18 -0.67 -4.62
N HIS A 56 12.40 -0.93 -4.16
CA HIS A 56 12.87 -2.29 -3.96
C HIS A 56 12.61 -2.68 -2.51
N VAL A 57 11.81 -3.73 -2.31
CA VAL A 57 11.53 -4.22 -0.97
C VAL A 57 12.14 -5.60 -0.74
N PRO A 58 13.20 -5.67 0.08
CA PRO A 58 13.83 -6.95 0.39
C PRO A 58 12.86 -7.86 1.16
N ALA A 59 13.03 -9.16 1.06
CA ALA A 59 12.08 -10.12 1.64
C ALA A 59 11.84 -9.89 3.13
N GLU A 60 12.85 -9.37 3.82
CA GLU A 60 12.74 -9.15 5.26
C GLU A 60 11.78 -8.02 5.62
N LYS A 61 11.56 -7.09 4.69
CA LYS A 61 10.54 -6.06 4.89
C LYS A 61 9.25 -6.45 4.18
N ALA A 62 9.14 -7.74 3.85
CA ALA A 62 7.95 -8.27 3.21
C ALA A 62 7.63 -9.68 3.72
N TYR A 63 7.85 -10.69 2.88
CA TYR A 63 7.39 -12.04 3.21
C TYR A 63 8.49 -12.99 3.70
N GLY A 64 9.72 -12.49 3.81
CA GLY A 64 10.80 -13.24 4.41
C GLY A 64 11.14 -14.56 3.74
N ALA A 65 11.29 -15.61 4.55
CA ALA A 65 11.71 -16.93 4.07
C ALA A 65 10.55 -17.76 3.54
N THR A 66 9.35 -17.50 4.05
CA THR A 66 8.16 -18.23 3.62
C THR A 66 7.72 -17.80 2.22
N GLY A 67 7.82 -16.51 1.94
CA GLY A 67 7.26 -15.96 0.73
C GLY A 67 5.75 -16.03 0.84
N HIS A 68 5.09 -16.34 -0.28
CA HIS A 68 3.64 -16.53 -0.29
C HIS A 68 3.21 -17.38 -1.47
N PRO A 73 7.66 -16.35 -3.77
CA PRO A 73 8.92 -17.09 -3.63
C PRO A 73 9.74 -16.64 -2.44
N PRO A 74 10.41 -17.60 -1.76
CA PRO A 74 11.30 -17.32 -0.63
C PRO A 74 12.43 -16.35 -0.99
N HIS A 75 12.71 -15.41 -0.08
CA HIS A 75 13.84 -14.49 -0.18
C HIS A 75 13.83 -13.62 -1.43
N ALA A 76 12.64 -13.26 -1.90
CA ALA A 76 12.49 -12.46 -3.11
C ALA A 76 12.58 -10.96 -2.82
N THR A 77 13.25 -10.22 -3.70
CA THR A 77 13.16 -8.76 -3.70
C THR A 77 11.95 -8.32 -4.52
N LEU A 78 11.02 -7.62 -3.87
CA LEU A 78 9.85 -7.09 -4.55
C LEU A 78 10.17 -5.79 -5.24
N ASP A 79 9.86 -5.72 -6.54
CA ASP A 79 10.16 -4.55 -7.35
C ASP A 79 8.89 -3.82 -7.73
N PHE A 80 8.64 -2.71 -7.01
CA PHE A 80 7.43 -1.91 -7.19
C PHE A 80 7.66 -0.66 -8.04
N GLN A 81 6.78 -0.44 -9.01
CA GLN A 81 6.65 0.86 -9.63
C GLN A 81 5.34 1.45 -9.12
N VAL A 82 5.41 2.62 -8.49
CA VAL A 82 4.26 3.14 -7.77
C VAL A 82 3.92 4.56 -8.20
N GLU A 83 2.63 4.84 -8.32
N GLU A 83 2.63 4.84 -8.34
CA GLU A 83 2.14 6.19 -8.54
CA GLU A 83 2.17 6.21 -8.52
C GLU A 83 1.19 6.57 -7.40
C GLU A 83 1.22 6.56 -7.38
N VAL A 84 1.47 7.68 -6.72
CA VAL A 84 0.57 8.15 -5.65
C VAL A 84 -0.55 8.95 -6.31
N VAL A 85 -1.71 8.31 -6.41
CA VAL A 85 -2.85 8.87 -7.13
C VAL A 85 -3.60 9.91 -6.31
N LYS A 86 -3.85 9.58 -5.05
CA LYS A 86 -4.62 10.49 -4.19
C LYS A 86 -4.20 10.31 -2.74
N VAL A 87 -4.17 11.42 -2.01
CA VAL A 87 -3.95 11.38 -0.56
C VAL A 87 -5.02 12.21 0.13
N ARG A 88 -5.69 11.62 1.12
CA ARG A 88 -6.65 12.35 1.94
C ARG A 88 -6.57 11.90 3.39
N GLU A 89 -7.17 12.67 4.29
CA GLU A 89 -7.27 12.27 5.68
C GLU A 89 -8.39 11.27 5.83
N ALA A 90 -8.24 10.35 6.80
CA ALA A 90 -9.24 9.34 7.05
C ALA A 90 -10.44 9.92 7.78
N THR A 91 -11.59 9.29 7.59
CA THR A 91 -12.79 9.60 8.35
C THR A 91 -12.68 8.98 9.75
N PRO A 92 -13.51 9.45 10.69
CA PRO A 92 -13.50 8.82 12.03
C PRO A 92 -13.78 7.32 11.96
N GLU A 93 -14.69 6.93 11.07
CA GLU A 93 -15.07 5.52 10.94
C GLU A 93 -13.92 4.65 10.42
N GLU A 94 -13.17 5.19 9.46
CA GLU A 94 -11.99 4.51 8.93
C GLU A 94 -10.95 4.33 10.03
N LEU A 95 -10.74 5.35 10.85
CA LEU A 95 -9.78 5.26 11.93
C LEU A 95 -10.19 4.23 12.98
N LEU A 96 -11.47 4.18 13.32
CA LEU A 96 -11.91 3.23 14.33
C LEU A 96 -11.93 1.79 13.78
N HIS A 97 -12.25 1.63 12.50
CA HIS A 97 -12.17 0.32 11.86
C HIS A 97 -10.73 -0.10 11.55
N GLY A 98 -9.85 0.88 11.38
CA GLY A 98 -8.46 0.60 11.06
C GLY A 98 -8.25 0.21 9.60
N HIS A 99 -9.13 0.67 8.72
CA HIS A 99 -8.97 0.42 7.29
C HIS A 99 -9.70 1.47 6.46
N ALA A 100 -9.29 1.62 5.20
CA ALA A 100 -9.92 2.55 4.27
C ALA A 100 -11.29 2.05 3.83
N HIS A 101 -12.20 2.99 3.54
CA HIS A 101 -13.56 2.69 3.10
C HIS A 101 -13.81 3.25 1.71
N PRO A 102 -14.66 2.58 0.93
CA PRO A 102 -15.10 3.13 -0.36
C PRO A 102 -15.77 4.49 -0.19
N SER A 103 -15.72 5.33 -1.22
CA SER A 103 -16.19 6.71 -1.12
C SER A 103 -17.66 6.83 -0.71
N GLY A 104 -18.48 5.89 -1.16
CA GLY A 104 -19.90 5.92 -0.86
C GLY A 104 -20.19 5.65 0.61
N HIS A 105 -21.02 6.49 1.21
CA HIS A 105 -21.42 6.32 2.60
C HIS A 105 -22.17 4.99 2.78
N HIS A 106 -21.79 4.24 3.80
CA HIS A 106 -22.53 3.04 4.21
C HIS A 106 -22.08 2.67 5.60
N HIS A 107 -22.85 3.10 6.60
CA HIS A 107 -22.53 2.83 7.99
C HIS A 107 -22.53 1.32 8.25
N HIS A 108 -21.54 0.86 9.00
CA HIS A 108 -21.36 -0.57 9.21
C HIS A 108 -20.37 -0.84 10.34
N HIS A 109 -20.26 -2.09 10.74
CA HIS A 109 -19.14 -2.50 11.57
C HIS A 109 -18.66 -3.90 11.18
N HIS A 110 -17.77 -4.45 11.97
CA HIS A 110 -17.15 -5.72 11.63
C HIS A 110 -17.13 -6.66 12.82
N GLY B 3 -4.21 -11.03 -3.22
CA GLY B 3 -4.01 -9.82 -2.45
C GLY B 3 -2.73 -9.86 -1.66
N ILE B 4 -1.60 -9.59 -2.33
CA ILE B 4 -0.30 -9.70 -1.69
C ILE B 4 0.26 -8.36 -1.25
N VAL B 5 -0.17 -7.29 -1.92
CA VAL B 5 0.25 -5.95 -1.58
C VAL B 5 -0.54 -5.45 -0.36
N LYS B 6 -1.85 -5.65 -0.42
CA LYS B 6 -2.76 -5.29 0.66
C LYS B 6 -3.53 -6.53 1.09
N PRO B 7 -2.97 -7.30 2.03
CA PRO B 7 -3.52 -8.60 2.45
C PRO B 7 -4.97 -8.53 2.93
N TRP B 8 -5.70 -9.63 2.80
CA TRP B 8 -7.09 -9.67 3.26
C TRP B 8 -7.15 -9.96 4.77
#